data_7N07
#
_entry.id   7N07
#
_cell.length_a   84.429
_cell.length_b   84.429
_cell.length_c   161.022
_cell.angle_alpha   90.000
_cell.angle_beta   90.000
_cell.angle_gamma   90.000
#
_symmetry.space_group_name_H-M   'P 43 21 2'
#
loop_
_entity.id
_entity.type
_entity.pdbx_description
1 polymer 'Fab 3D6 heavy chain'
2 polymer 'Fab 3D6 light chain'
3 non-polymer 'SULFATE ION'
4 water water
#
loop_
_entity_poly.entity_id
_entity_poly.type
_entity_poly.pdbx_seq_one_letter_code
_entity_poly.pdbx_strand_id
1 'polypeptide(L)'
;EVQLVESGGGLVQPGRSLRLSCAASGFTFNDYAMHWVRQAPGKGLEWVSGISWDSSSIGYADSVKGRFTISRDNAKNSLY
LQMNSLRAEDMALYYCVKGRDYYDSGGYFTVAFDIWGQGTMVTVSSASTKGPSVFPLAPSSKSTSGGTAALGCLVKDYFP
EPVTVSWNSGALTSGVHTFPAVLQSSGLYSLSSVVTVPSSSLGTQTYICNVNHKPSNTKVDKKVEPKSCGRLVPRGSHHH
HHHHHHH
;
H
2 'polypeptide(L)'
;DIQMTQSPSTLSASVGDRVTITCRASQSISRWLAWYQQKPGKVPKLLIYKASSLESGVPSRFSGSGSGTEFTLTISSLQP
DDFATYYCQQYNSYSFGPGTKVDIKRTVAAPSVFIFPPSDEQLKSGTASVVCLLNNFYPREAKVQWKVDNALQSGNSQES
VTEQDSKDSTYSLSSTLTLSKADYEKHKVYACEVTHQGLSSPVTKSFNRGEC
;
L
#
loop_
_chem_comp.id
_chem_comp.type
_chem_comp.name
_chem_comp.formula
SO4 non-polymer 'SULFATE ION' 'O4 S -2'
#
# COMPACT_ATOMS: atom_id res chain seq x y z
N GLU A 1 -2.18 17.31 20.15
CA GLU A 1 -1.68 16.74 18.87
C GLU A 1 -2.70 16.98 17.75
N VAL A 2 -2.17 17.35 16.58
CA VAL A 2 -2.95 17.74 15.38
C VAL A 2 -3.35 16.50 14.55
N GLN A 3 -4.66 16.30 14.40
CA GLN A 3 -5.22 15.08 13.84
C GLN A 3 -6.44 15.32 12.98
N LEU A 4 -6.66 14.39 12.03
CA LEU A 4 -7.84 14.35 11.18
C LEU A 4 -8.36 12.91 11.11
N VAL A 5 -9.48 12.63 11.77
CA VAL A 5 -10.04 11.29 11.83
C VAL A 5 -11.22 11.11 10.87
N GLU A 6 -11.02 10.23 9.89
CA GLU A 6 -11.97 10.00 8.83
C GLU A 6 -12.89 8.84 9.14
N SER A 7 -14.09 8.88 8.57
CA SER A 7 -15.07 7.80 8.65
C SER A 7 -16.03 7.95 7.49
N GLY A 8 -16.91 6.96 7.34
CA GLY A 8 -17.95 6.95 6.32
C GLY A 8 -17.60 6.21 5.03
N GLY A 9 -16.39 5.66 4.94
CA GLY A 9 -16.03 4.87 3.78
C GLY A 9 -16.69 3.48 3.82
N GLY A 10 -16.75 2.83 2.66
CA GLY A 10 -17.35 1.53 2.54
C GLY A 10 -17.72 1.10 1.14
N LEU A 11 -18.69 0.17 1.08
CA LEU A 11 -19.11 -0.49 -0.15
C LEU A 11 -20.47 0.03 -0.59
N VAL A 12 -20.57 0.42 -1.86
CA VAL A 12 -21.78 1.02 -2.42
C VAL A 12 -21.97 0.65 -3.90
N GLN A 13 -23.21 0.38 -4.30
CA GLN A 13 -23.54 0.02 -5.68
C GLN A 13 -23.19 1.16 -6.63
N PRO A 14 -22.80 0.88 -7.90
CA PRO A 14 -22.56 1.93 -8.88
C PRO A 14 -23.84 2.75 -9.02
N GLY A 15 -23.73 4.09 -9.12
CA GLY A 15 -24.88 4.97 -9.18
C GLY A 15 -25.41 5.52 -7.86
N ARG A 16 -24.94 4.96 -6.73
CA ARG A 16 -25.45 5.26 -5.36
C ARG A 16 -24.50 6.26 -4.65
N SER A 17 -24.77 6.54 -3.38
CA SER A 17 -24.18 7.62 -2.63
C SER A 17 -23.47 7.16 -1.38
N LEU A 18 -22.51 7.97 -0.93
CA LEU A 18 -21.80 7.80 0.33
C LEU A 18 -21.41 9.19 0.79
N ARG A 19 -21.35 9.38 2.11
CA ARG A 19 -20.88 10.64 2.73
C ARG A 19 -19.62 10.33 3.53
N LEU A 20 -18.49 10.99 3.21
CA LEU A 20 -17.31 10.89 4.05
C LEU A 20 -17.35 12.03 5.05
N SER A 21 -16.68 11.81 6.20
CA SER A 21 -16.55 12.82 7.22
C SER A 21 -15.13 12.77 7.72
N CYS A 22 -14.73 13.88 8.36
CA CYS A 22 -13.41 14.04 8.91
C CYS A 22 -13.46 14.98 10.10
N ALA A 23 -13.13 14.48 11.29
CA ALA A 23 -13.15 15.29 12.53
C ALA A 23 -11.75 15.78 12.83
N ALA A 24 -11.62 17.11 12.97
CA ALA A 24 -10.35 17.76 13.22
C ALA A 24 -10.18 17.98 14.69
N SER A 25 -8.92 18.01 15.13
CA SER A 25 -8.57 18.34 16.50
C SER A 25 -7.10 18.77 16.58
N GLY A 26 -6.78 19.52 17.64
CA GLY A 26 -5.42 19.98 17.89
C GLY A 26 -4.99 21.23 17.13
N PHE A 27 -5.92 21.84 16.39
CA PHE A 27 -5.66 23.12 15.73
C PHE A 27 -6.95 23.91 15.55
N THR A 28 -6.83 25.19 15.21
CA THR A 28 -7.98 26.09 15.07
C THR A 28 -8.67 25.86 13.71
N PHE A 29 -9.55 24.85 13.65
CA PHE A 29 -10.22 24.40 12.42
C PHE A 29 -10.82 25.53 11.58
N ASN A 30 -11.49 26.47 12.24
CA ASN A 30 -12.05 27.70 11.66
C ASN A 30 -11.13 28.53 10.78
N ASP A 31 -9.81 28.43 10.99
CA ASP A 31 -8.86 29.30 10.30
C ASP A 31 -8.30 28.75 9.02
N TYR A 32 -8.64 27.49 8.69
CA TYR A 32 -7.95 26.72 7.62
C TYR A 32 -8.92 26.29 6.52
N ALA A 33 -8.50 26.54 5.27
CA ALA A 33 -8.96 25.80 4.12
C ALA A 33 -8.72 24.31 4.39
N MET A 34 -9.55 23.47 3.76
CA MET A 34 -9.54 22.04 3.94
C MET A 34 -9.79 21.39 2.58
N HIS A 35 -9.19 20.20 2.37
CA HIS A 35 -9.22 19.51 1.08
C HIS A 35 -9.47 18.02 1.21
N TRP A 36 -10.00 17.45 0.12
CA TRP A 36 -9.99 16.00 -0.10
C TRP A 36 -9.02 15.66 -1.24
N VAL A 37 -8.27 14.57 -1.06
CA VAL A 37 -7.35 14.00 -2.05
C VAL A 37 -7.60 12.48 -2.08
N ARG A 38 -7.53 11.87 -3.26
CA ARG A 38 -7.79 10.41 -3.36
C ARG A 38 -6.65 9.70 -4.13
N GLN A 39 -6.61 8.37 -3.96
CA GLN A 39 -5.59 7.55 -4.60
C GLN A 39 -6.24 6.23 -4.93
N ALA A 40 -6.35 5.94 -6.22
CA ALA A 40 -6.93 4.70 -6.72
C ALA A 40 -5.86 3.62 -6.57
N PRO A 41 -6.25 2.34 -6.43
CA PRO A 41 -5.29 1.26 -6.16
C PRO A 41 -4.10 1.28 -7.14
N GLY A 42 -2.90 1.34 -6.58
CA GLY A 42 -1.67 1.32 -7.36
C GLY A 42 -1.44 2.51 -8.28
N LYS A 43 -2.12 3.63 -8.00
CA LYS A 43 -2.02 4.82 -8.83
C LYS A 43 -1.61 6.01 -8.00
N GLY A 44 -1.56 7.19 -8.62
CA GLY A 44 -1.08 8.39 -7.98
C GLY A 44 -2.13 9.09 -7.14
N LEU A 45 -1.70 10.21 -6.54
CA LEU A 45 -2.53 11.09 -5.79
C LEU A 45 -3.24 12.00 -6.76
N GLU A 46 -4.53 12.25 -6.47
CA GLU A 46 -5.37 13.16 -7.23
C GLU A 46 -6.14 14.07 -6.29
N TRP A 47 -5.93 15.39 -6.43
CA TRP A 47 -6.71 16.35 -5.71
C TRP A 47 -8.16 16.27 -6.18
N VAL A 48 -9.09 16.25 -5.22
CA VAL A 48 -10.50 15.99 -5.48
C VAL A 48 -11.33 17.25 -5.31
N SER A 49 -11.15 17.92 -4.16
CA SER A 49 -11.95 19.08 -3.79
C SER A 49 -11.32 19.86 -2.63
N GLY A 50 -11.59 21.17 -2.60
CA GLY A 50 -11.23 22.02 -1.49
C GLY A 50 -12.28 23.06 -1.13
N ILE A 51 -12.17 23.59 0.09
CA ILE A 51 -13.11 24.54 0.63
C ILE A 51 -12.42 25.49 1.64
N SER A 52 -12.62 26.79 1.41
CA SER A 52 -12.18 27.86 2.29
C SER A 52 -12.73 27.73 3.71
N TRP A 53 -12.07 28.41 4.65
CA TRP A 53 -12.41 28.38 6.07
C TRP A 53 -13.89 28.70 6.35
N ASP A 54 -14.46 29.63 5.58
CA ASP A 54 -15.84 30.11 5.76
C ASP A 54 -16.79 29.64 4.66
N SER A 55 -16.33 28.69 3.85
CA SER A 55 -17.08 28.08 2.75
C SER A 55 -17.43 29.03 1.59
N SER A 56 -16.88 30.26 1.60
CA SER A 56 -17.21 31.25 0.56
C SER A 56 -16.54 30.95 -0.78
N SER A 57 -15.53 30.07 -0.78
CA SER A 57 -15.05 29.49 -2.03
C SER A 57 -14.82 27.97 -1.94
N ILE A 58 -15.20 27.28 -3.01
CA ILE A 58 -15.22 25.84 -3.13
C ILE A 58 -14.66 25.54 -4.53
N GLY A 59 -13.82 24.51 -4.61
CA GLY A 59 -13.24 24.01 -5.86
C GLY A 59 -13.39 22.51 -6.00
N TYR A 60 -13.53 22.03 -7.25
CA TYR A 60 -13.62 20.60 -7.61
C TYR A 60 -12.73 20.25 -8.82
N ALA A 61 -12.19 19.04 -8.82
CA ALA A 61 -11.58 18.48 -10.02
C ALA A 61 -12.72 18.26 -11.02
N ASP A 62 -12.40 18.41 -12.31
CA ASP A 62 -13.35 18.25 -13.41
C ASP A 62 -14.06 16.90 -13.38
N SER A 63 -13.35 15.84 -12.99
CA SER A 63 -13.91 14.48 -12.94
C SER A 63 -15.00 14.24 -11.88
N VAL A 64 -15.12 15.15 -10.91
CA VAL A 64 -16.15 15.05 -9.87
C VAL A 64 -17.21 16.18 -9.85
N LYS A 65 -16.93 17.28 -10.56
CA LYS A 65 -17.85 18.42 -10.63
C LYS A 65 -19.23 17.94 -11.02
N GLY A 66 -20.24 18.26 -10.22
CA GLY A 66 -21.63 17.92 -10.49
C GLY A 66 -22.11 16.67 -9.77
N ARG A 67 -21.17 15.86 -9.29
CA ARG A 67 -21.47 14.58 -8.59
C ARG A 67 -21.05 14.66 -7.12
N PHE A 68 -20.01 15.44 -6.78
CA PHE A 68 -19.51 15.51 -5.39
C PHE A 68 -19.84 16.90 -4.82
N THR A 69 -20.08 16.95 -3.52
CA THR A 69 -20.33 18.20 -2.83
C THR A 69 -19.55 18.20 -1.54
N ILE A 70 -18.57 19.11 -1.45
CA ILE A 70 -17.81 19.34 -0.25
C ILE A 70 -18.55 20.34 0.64
N SER A 71 -18.42 20.18 1.96
CA SER A 71 -19.00 21.08 2.96
C SER A 71 -18.26 20.91 4.26
N ARG A 72 -18.56 21.81 5.22
CA ARG A 72 -17.93 21.79 6.56
C ARG A 72 -18.88 22.34 7.61
N ASP A 73 -18.64 21.97 8.87
CA ASP A 73 -19.36 22.48 10.03
C ASP A 73 -18.32 22.84 11.09
N ASN A 74 -17.93 24.12 11.11
CA ASN A 74 -16.88 24.63 11.99
C ASN A 74 -17.20 24.52 13.47
N ALA A 75 -18.49 24.67 13.82
CA ALA A 75 -18.98 24.40 15.17
C ALA A 75 -18.72 22.96 15.64
N LYS A 76 -18.69 21.99 14.69
CA LYS A 76 -18.40 20.57 14.94
C LYS A 76 -16.98 20.13 14.52
N ASN A 77 -16.14 21.09 14.09
CA ASN A 77 -14.81 20.82 13.56
C ASN A 77 -14.80 19.65 12.55
N SER A 78 -15.80 19.64 11.66
CA SER A 78 -15.97 18.55 10.72
C SER A 78 -15.98 18.97 9.25
N LEU A 79 -15.33 18.15 8.41
CA LEU A 79 -15.31 18.30 6.96
C LEU A 79 -15.99 17.08 6.37
N TYR A 80 -16.81 17.30 5.34
CA TYR A 80 -17.65 16.25 4.70
C TYR A 80 -17.40 16.23 3.20
N LEU A 81 -17.63 15.07 2.57
CA LEU A 81 -17.70 14.96 1.13
C LEU A 81 -18.88 14.08 0.80
N GLN A 82 -19.91 14.68 0.19
CA GLN A 82 -21.09 13.98 -0.29
C GLN A 82 -20.80 13.53 -1.72
N MET A 83 -20.76 12.20 -1.93
CA MET A 83 -20.44 11.61 -3.22
C MET A 83 -21.68 10.90 -3.77
N ASN A 84 -22.16 11.39 -4.92
CA ASN A 84 -23.32 10.84 -5.61
C ASN A 84 -22.94 10.28 -6.98
N SER A 85 -23.79 9.41 -7.52
CA SER A 85 -23.57 8.76 -8.82
C SER A 85 -22.18 8.11 -8.90
N LEU A 86 -21.81 7.38 -7.85
CA LEU A 86 -20.49 6.78 -7.74
C LEU A 86 -20.28 5.79 -8.89
N ARG A 87 -19.06 5.79 -9.43
CA ARG A 87 -18.64 4.91 -10.57
C ARG A 87 -17.24 4.34 -10.29
N ALA A 88 -16.73 3.52 -11.23
CA ALA A 88 -15.46 2.83 -11.12
C ALA A 88 -14.29 3.75 -10.71
N GLU A 89 -14.15 4.87 -11.42
CA GLU A 89 -13.06 5.83 -11.18
C GLU A 89 -13.00 6.39 -9.75
N ASP A 90 -14.11 6.30 -9.00
CA ASP A 90 -14.19 6.85 -7.65
C ASP A 90 -13.73 5.85 -6.61
N MET A 91 -13.52 4.59 -7.04
CA MET A 91 -12.94 3.57 -6.17
C MET A 91 -11.53 4.01 -5.84
N ALA A 92 -11.28 4.29 -4.56
CA ALA A 92 -10.03 4.88 -4.11
C ALA A 92 -10.01 5.00 -2.61
N LEU A 93 -8.79 5.18 -2.09
CA LEU A 93 -8.59 5.68 -0.73
C LEU A 93 -8.77 7.20 -0.77
N TYR A 94 -9.50 7.74 0.22
CA TYR A 94 -9.86 9.18 0.34
C TYR A 94 -9.19 9.76 1.58
N TYR A 95 -8.36 10.78 1.40
CA TYR A 95 -7.62 11.49 2.48
C TYR A 95 -8.28 12.86 2.74
N CYS A 96 -8.53 13.12 4.02
CA CYS A 96 -8.82 14.43 4.59
C CYS A 96 -7.46 15.15 4.69
N VAL A 97 -7.37 16.41 4.23
CA VAL A 97 -6.07 17.14 4.23
C VAL A 97 -6.17 18.61 4.62
N LYS A 98 -5.27 19.07 5.49
CA LYS A 98 -5.27 20.43 6.04
C LYS A 98 -4.55 21.43 5.15
N GLY A 99 -5.27 22.50 4.78
CA GLY A 99 -4.79 23.51 3.85
C GLY A 99 -4.19 24.75 4.49
N ARG A 100 -4.29 25.86 3.76
CA ARG A 100 -3.63 27.16 4.09
C ARG A 100 -4.40 27.87 5.22
N ASP A 101 -3.69 28.59 6.09
CA ASP A 101 -4.30 29.48 7.09
C ASP A 101 -4.79 30.76 6.39
N TYR A 102 -6.04 31.14 6.66
CA TYR A 102 -6.69 32.39 6.14
C TYR A 102 -5.80 33.61 6.41
N TYR A 103 -5.17 33.71 7.58
CA TYR A 103 -4.41 34.89 8.05
C TYR A 103 -3.04 34.97 7.37
N ASP A 104 -2.46 33.81 7.03
CA ASP A 104 -1.12 33.75 6.44
C ASP A 104 -1.22 33.54 4.92
N SER A 105 -1.55 34.62 4.20
CA SER A 105 -1.66 34.62 2.74
C SER A 105 -0.43 34.02 2.04
N GLY A 106 0.76 34.52 2.39
CA GLY A 106 2.02 34.11 1.77
C GLY A 106 2.71 32.90 2.36
N GLY A 107 2.17 32.35 3.46
CA GLY A 107 2.72 31.19 4.11
C GLY A 107 4.11 31.43 4.68
N TYR A 108 4.33 32.63 5.23
CA TYR A 108 5.61 33.10 5.82
C TYR A 108 5.84 32.39 7.17
N PHE A 109 4.77 31.90 7.80
CA PHE A 109 4.85 31.15 9.06
C PHE A 109 3.88 29.95 9.13
N THR A 110 3.37 29.52 7.96
CA THR A 110 2.43 28.41 7.86
C THR A 110 2.66 27.67 6.54
N VAL A 111 2.52 26.34 6.58
CA VAL A 111 2.70 25.49 5.42
C VAL A 111 1.43 24.69 5.18
N ALA A 112 0.96 24.69 3.93
CA ALA A 112 -0.23 23.94 3.54
C ALA A 112 0.08 22.46 3.26
N PHE A 113 -0.97 21.63 3.29
CA PHE A 113 -0.90 20.19 3.00
C PHE A 113 0.13 19.40 3.83
N ASP A 114 0.26 19.76 5.11
CA ASP A 114 1.20 19.15 6.06
C ASP A 114 0.61 18.00 6.89
N ILE A 115 -0.72 18.03 7.09
CA ILE A 115 -1.43 17.09 7.96
C ILE A 115 -2.49 16.38 7.14
N TRP A 116 -2.45 15.04 7.15
CA TRP A 116 -3.31 14.19 6.36
C TRP A 116 -4.05 13.27 7.31
N GLY A 117 -5.32 12.97 7.00
CA GLY A 117 -6.06 11.92 7.66
C GLY A 117 -5.52 10.57 7.23
N GLN A 118 -5.88 9.52 7.98
CA GLN A 118 -5.34 8.18 7.78
C GLN A 118 -5.83 7.48 6.51
N GLY A 119 -6.95 7.97 5.95
CA GLY A 119 -7.53 7.42 4.74
C GLY A 119 -8.76 6.61 5.05
N THR A 120 -9.70 6.56 4.09
CA THR A 120 -10.88 5.71 4.19
C THR A 120 -11.24 5.21 2.79
N MET A 121 -11.57 3.91 2.71
CA MET A 121 -11.69 3.21 1.44
C MET A 121 -13.12 3.27 0.93
N VAL A 122 -13.25 3.59 -0.37
CA VAL A 122 -14.52 3.55 -1.06
C VAL A 122 -14.43 2.45 -2.11
N THR A 123 -15.34 1.48 -2.03
CA THR A 123 -15.46 0.40 -3.01
C THR A 123 -16.82 0.53 -3.69
N VAL A 124 -16.81 0.56 -5.02
CA VAL A 124 -17.98 0.71 -5.85
C VAL A 124 -18.21 -0.61 -6.59
N SER A 125 -19.23 -1.36 -6.18
CA SER A 125 -19.43 -2.72 -6.65
C SER A 125 -20.81 -3.26 -6.26
N SER A 126 -21.36 -4.11 -7.12
CA SER A 126 -22.63 -4.78 -6.87
C SER A 126 -22.43 -6.05 -6.07
N ALA A 127 -21.17 -6.47 -5.87
CA ALA A 127 -20.86 -7.70 -5.18
C ALA A 127 -21.03 -7.57 -3.69
N SER A 128 -21.13 -8.72 -3.02
CA SER A 128 -21.47 -8.82 -1.62
C SER A 128 -20.26 -8.68 -0.74
N THR A 129 -20.51 -8.11 0.45
CA THR A 129 -19.57 -8.16 1.58
C THR A 129 -19.43 -9.60 2.05
N LYS A 130 -18.20 -10.09 2.17
CA LYS A 130 -17.95 -11.44 2.60
C LYS A 130 -16.69 -11.51 3.48
N GLY A 131 -16.81 -12.17 4.63
CA GLY A 131 -15.70 -12.36 5.54
C GLY A 131 -14.67 -13.32 4.95
N PRO A 132 -13.40 -13.28 5.39
CA PRO A 132 -12.38 -14.23 4.94
C PRO A 132 -12.48 -15.60 5.64
N SER A 133 -11.92 -16.62 5.00
CA SER A 133 -11.55 -17.87 5.65
C SER A 133 -10.05 -17.78 5.95
N VAL A 134 -9.67 -18.24 7.14
CA VAL A 134 -8.30 -18.15 7.63
C VAL A 134 -7.67 -19.54 7.83
N PHE A 135 -6.75 -19.92 6.93
CA PHE A 135 -6.09 -21.24 6.93
C PHE A 135 -4.61 -21.14 7.33
N PRO A 136 -4.08 -22.11 8.11
CA PRO A 136 -2.69 -22.06 8.54
C PRO A 136 -1.71 -22.43 7.41
N LEU A 137 -0.53 -21.82 7.43
CA LEU A 137 0.59 -22.21 6.61
C LEU A 137 1.61 -22.78 7.58
N ALA A 138 1.56 -24.11 7.76
CA ALA A 138 2.29 -24.82 8.80
C ALA A 138 3.78 -24.95 8.49
N PRO A 139 4.65 -24.66 9.47
CA PRO A 139 6.10 -24.80 9.28
C PRO A 139 6.48 -26.29 9.22
N SER A 140 7.39 -26.65 8.30
CA SER A 140 7.79 -28.03 8.06
C SER A 140 9.22 -28.10 7.50
N SER A 141 9.70 -29.34 7.29
CA SER A 141 10.99 -29.61 6.66
C SER A 141 11.11 -28.80 5.37
N LYS A 142 9.99 -28.68 4.65
CA LYS A 142 9.92 -27.95 3.38
C LYS A 142 9.69 -26.43 3.47
N SER A 143 9.63 -25.88 4.69
CA SER A 143 9.67 -24.43 4.91
C SER A 143 10.81 -23.99 5.86
N THR A 144 11.91 -24.75 5.86
CA THR A 144 13.07 -24.52 6.72
C THR A 144 14.37 -24.40 5.95
N SER A 145 15.28 -23.60 6.50
CA SER A 145 16.59 -23.38 5.93
C SER A 145 17.50 -23.00 7.10
N GLY A 146 18.48 -23.86 7.39
CA GLY A 146 19.35 -23.69 8.54
C GLY A 146 18.53 -23.40 9.78
N GLY A 147 18.85 -22.29 10.44
CA GLY A 147 18.29 -21.98 11.74
C GLY A 147 16.97 -21.24 11.74
N THR A 148 16.27 -21.22 10.59
CA THR A 148 15.02 -20.49 10.46
C THR A 148 13.92 -21.36 9.84
N ALA A 149 12.69 -21.28 10.40
CA ALA A 149 11.46 -21.81 9.80
C ALA A 149 10.48 -20.67 9.42
N ALA A 150 9.72 -20.89 8.34
CA ALA A 150 8.68 -19.98 7.89
C ALA A 150 7.33 -20.61 8.15
N LEU A 151 6.41 -19.82 8.70
CA LEU A 151 5.03 -20.22 8.93
C LEU A 151 4.15 -19.01 8.62
N GLY A 152 2.84 -19.22 8.56
CA GLY A 152 1.94 -18.14 8.19
C GLY A 152 0.47 -18.44 8.24
N CYS A 153 -0.31 -17.49 7.72
CA CYS A 153 -1.76 -17.59 7.57
C CYS A 153 -2.18 -17.18 6.16
N LEU A 154 -3.00 -18.04 5.52
CA LEU A 154 -3.70 -17.73 4.29
C LEU A 154 -5.07 -17.14 4.63
N VAL A 155 -5.33 -15.92 4.16
CA VAL A 155 -6.56 -15.19 4.39
C VAL A 155 -7.29 -15.06 3.06
N LYS A 156 -8.24 -15.98 2.82
CA LYS A 156 -8.85 -16.23 1.53
C LYS A 156 -10.36 -15.86 1.39
N ASP A 157 -10.72 -15.32 0.21
CA ASP A 157 -12.10 -15.06 -0.20
C ASP A 157 -12.88 -14.06 0.66
N TYR A 158 -12.42 -12.81 0.66
CA TYR A 158 -13.09 -11.67 1.33
C TYR A 158 -13.39 -10.57 0.31
N PHE A 159 -14.44 -9.78 0.59
CA PHE A 159 -14.78 -8.58 -0.15
C PHE A 159 -15.59 -7.70 0.79
N PRO A 160 -15.42 -6.36 0.79
CA PRO A 160 -14.34 -5.68 0.07
C PRO A 160 -13.08 -5.60 0.94
N GLU A 161 -12.07 -4.83 0.50
CA GLU A 161 -10.92 -4.47 1.33
C GLU A 161 -11.34 -3.47 2.40
N PRO A 162 -10.55 -3.25 3.48
CA PRO A 162 -9.32 -3.99 3.76
C PRO A 162 -9.44 -5.12 4.80
N VAL A 163 -8.37 -5.90 4.94
CA VAL A 163 -8.17 -6.80 6.04
C VAL A 163 -6.83 -6.48 6.68
N THR A 164 -6.73 -6.65 7.99
CA THR A 164 -5.48 -6.44 8.72
C THR A 164 -5.01 -7.75 9.36
N VAL A 165 -3.70 -7.86 9.57
CA VAL A 165 -3.10 -9.06 10.12
C VAL A 165 -1.99 -8.65 11.06
N SER A 166 -2.02 -9.22 12.27
CA SER A 166 -0.92 -9.12 13.20
C SER A 166 -0.57 -10.52 13.68
N TRP A 167 0.57 -10.62 14.37
CA TRP A 167 1.04 -11.86 14.94
C TRP A 167 1.22 -11.67 16.46
N ASN A 168 0.57 -12.53 17.24
CA ASN A 168 0.64 -12.48 18.69
C ASN A 168 0.33 -11.10 19.26
N SER A 169 -0.73 -10.45 18.75
CA SER A 169 -1.22 -9.15 19.21
C SER A 169 -0.17 -8.02 19.20
N GLY A 170 0.64 -7.99 18.13
CA GLY A 170 1.63 -6.94 17.92
C GLY A 170 2.98 -7.22 18.56
N ALA A 171 3.07 -8.28 19.37
CA ALA A 171 4.27 -8.64 20.09
C ALA A 171 5.33 -9.30 19.20
N LEU A 172 4.94 -9.62 17.95
CA LEU A 172 5.83 -10.20 16.96
C LEU A 172 5.71 -9.43 15.64
N THR A 173 6.68 -8.53 15.40
CA THR A 173 6.76 -7.73 14.19
C THR A 173 7.90 -8.16 13.28
N SER A 174 9.02 -8.54 13.89
CA SER A 174 10.24 -8.86 13.18
C SER A 174 10.06 -10.13 12.35
N GLY A 175 10.40 -10.03 11.06
CA GLY A 175 10.36 -11.15 10.15
C GLY A 175 9.01 -11.40 9.51
N VAL A 176 8.06 -10.49 9.70
CA VAL A 176 6.71 -10.58 9.14
C VAL A 176 6.68 -9.98 7.72
N HIS A 177 6.10 -10.73 6.79
CA HIS A 177 5.77 -10.20 5.47
C HIS A 177 4.29 -10.50 5.25
N THR A 178 3.45 -9.45 5.31
CA THR A 178 2.04 -9.56 4.97
C THR A 178 1.87 -9.05 3.54
N PHE A 179 1.50 -9.97 2.64
CA PHE A 179 1.50 -9.70 1.21
C PHE A 179 0.32 -8.82 0.82
N PRO A 180 0.49 -7.91 -0.16
CA PRO A 180 -0.62 -7.15 -0.71
C PRO A 180 -1.72 -8.08 -1.24
N ALA A 181 -2.99 -7.69 -1.07
CA ALA A 181 -4.11 -8.49 -1.55
C ALA A 181 -4.09 -8.52 -3.05
N VAL A 182 -4.50 -9.65 -3.64
CA VAL A 182 -4.73 -9.74 -5.06
C VAL A 182 -6.18 -10.11 -5.30
N LEU A 183 -6.73 -9.60 -6.40
CA LEU A 183 -8.09 -9.90 -6.79
C LEU A 183 -8.08 -11.23 -7.54
N GLN A 184 -8.88 -12.20 -7.07
CA GLN A 184 -9.06 -13.49 -7.73
C GLN A 184 -10.14 -13.31 -8.77
N SER A 185 -10.04 -14.05 -9.89
CA SER A 185 -11.00 -13.95 -10.99
C SER A 185 -12.45 -13.93 -10.49
N SER A 186 -12.73 -14.75 -9.48
CA SER A 186 -14.04 -14.84 -8.82
C SER A 186 -14.59 -13.50 -8.31
N GLY A 187 -13.71 -12.52 -8.13
CA GLY A 187 -14.08 -11.17 -7.73
C GLY A 187 -13.86 -10.92 -6.27
N LEU A 188 -13.28 -11.90 -5.57
CA LEU A 188 -12.96 -11.78 -4.14
C LEU A 188 -11.46 -11.66 -3.99
N TYR A 189 -11.04 -10.99 -2.91
CA TYR A 189 -9.61 -10.78 -2.56
C TYR A 189 -9.09 -11.97 -1.76
N SER A 190 -7.76 -12.16 -1.78
CA SER A 190 -7.08 -13.11 -0.94
C SER A 190 -5.64 -12.63 -0.70
N LEU A 191 -5.10 -12.90 0.49
CA LEU A 191 -3.68 -12.69 0.79
C LEU A 191 -3.11 -13.71 1.78
N SER A 192 -1.78 -13.82 1.81
CA SER A 192 -1.08 -14.56 2.85
C SER A 192 -0.29 -13.59 3.70
N SER A 193 -0.09 -13.96 4.97
CA SER A 193 0.85 -13.29 5.85
C SER A 193 1.74 -14.38 6.41
N VAL A 194 3.06 -14.21 6.26
CA VAL A 194 4.04 -15.16 6.76
C VAL A 194 5.03 -14.46 7.68
N VAL A 195 5.72 -15.27 8.47
CA VAL A 195 6.77 -14.82 9.38
C VAL A 195 7.84 -15.93 9.48
N THR A 196 9.12 -15.52 9.48
CA THR A 196 10.24 -16.42 9.73
C THR A 196 10.79 -16.15 11.13
N VAL A 197 11.10 -17.25 11.84
CA VAL A 197 11.48 -17.25 13.25
C VAL A 197 12.56 -18.31 13.45
N PRO A 198 13.26 -18.32 14.60
CA PRO A 198 14.20 -19.40 14.90
C PRO A 198 13.50 -20.76 14.87
N SER A 199 14.12 -21.75 14.23
CA SER A 199 13.56 -23.09 14.12
C SER A 199 13.49 -23.78 15.49
N SER A 200 14.44 -23.44 16.37
CA SER A 200 14.50 -23.97 17.75
C SER A 200 13.39 -23.44 18.68
N SER A 201 12.77 -22.31 18.31
CA SER A 201 11.69 -21.68 19.07
C SER A 201 10.32 -22.36 18.90
N LEU A 202 10.22 -23.30 17.95
CA LEU A 202 8.97 -24.02 17.66
C LEU A 202 8.42 -24.74 18.90
N GLY A 203 9.34 -25.21 19.75
CA GLY A 203 9.01 -25.84 21.00
C GLY A 203 8.60 -24.87 22.12
N THR A 204 9.26 -23.70 22.20
CA THR A 204 9.05 -22.72 23.28
C THR A 204 7.96 -21.66 23.03
N GLN A 205 7.69 -21.36 21.76
CA GLN A 205 6.77 -20.29 21.38
C GLN A 205 5.46 -20.76 20.75
N THR A 206 4.41 -19.97 20.98
CA THR A 206 3.11 -20.09 20.34
C THR A 206 2.99 -18.96 19.33
N TYR A 207 2.62 -19.30 18.10
CA TYR A 207 2.47 -18.36 16.97
C TYR A 207 0.99 -18.32 16.53
N ILE A 208 0.34 -17.17 16.75
CA ILE A 208 -1.06 -16.95 16.44
C ILE A 208 -1.18 -15.74 15.53
N CYS A 209 -2.05 -15.84 14.51
CA CYS A 209 -2.32 -14.72 13.61
C CYS A 209 -3.69 -14.12 13.94
N ASN A 210 -3.72 -12.78 14.04
CA ASN A 210 -4.90 -12.01 14.36
C ASN A 210 -5.36 -11.36 13.07
N VAL A 211 -6.47 -11.86 12.52
CA VAL A 211 -7.08 -11.33 11.30
C VAL A 211 -8.35 -10.56 11.63
N ASN A 212 -8.44 -9.35 11.11
CA ASN A 212 -9.58 -8.48 11.32
C ASN A 212 -10.10 -7.96 10.00
N HIS A 213 -11.38 -8.21 9.70
CA HIS A 213 -12.05 -7.74 8.49
C HIS A 213 -13.27 -6.96 8.93
N LYS A 214 -13.05 -5.69 9.28
CA LYS A 214 -14.09 -4.81 9.80
C LYS A 214 -15.34 -4.74 8.93
N PRO A 215 -15.25 -4.59 7.60
CA PRO A 215 -16.43 -4.51 6.76
C PRO A 215 -17.47 -5.63 7.02
N SER A 216 -17.00 -6.84 7.37
CA SER A 216 -17.83 -7.99 7.66
C SER A 216 -17.97 -8.34 9.15
N ASN A 217 -17.38 -7.54 10.04
CA ASN A 217 -17.43 -7.76 11.50
C ASN A 217 -16.84 -9.15 11.85
N THR A 218 -15.75 -9.52 11.14
CA THR A 218 -15.03 -10.76 11.32
C THR A 218 -13.68 -10.54 12.01
N LYS A 219 -13.52 -11.07 13.22
CA LYS A 219 -12.24 -11.19 13.89
C LYS A 219 -12.00 -12.69 14.04
N VAL A 220 -10.77 -13.11 13.76
CA VAL A 220 -10.34 -14.51 13.84
C VAL A 220 -8.89 -14.55 14.31
N ASP A 221 -8.63 -15.38 15.33
CA ASP A 221 -7.29 -15.77 15.72
C ASP A 221 -7.10 -17.21 15.28
N LYS A 222 -6.01 -17.45 14.54
CA LYS A 222 -5.61 -18.82 14.20
C LYS A 222 -4.22 -19.10 14.74
N LYS A 223 -4.13 -20.10 15.64
CA LYS A 223 -2.88 -20.68 16.09
C LYS A 223 -2.41 -21.60 14.97
N VAL A 224 -1.11 -21.57 14.69
CA VAL A 224 -0.50 -22.33 13.61
C VAL A 224 0.70 -23.08 14.19
N GLU A 225 0.82 -24.37 13.82
CA GLU A 225 1.80 -25.27 14.42
C GLU A 225 2.42 -26.24 13.42
N PRO A 226 3.57 -26.88 13.77
CA PRO A 226 4.03 -28.10 13.08
C PRO A 226 2.98 -29.21 13.08
N ASP B 1 -5.91 23.82 -17.58
CA ASP B 1 -5.31 23.62 -16.24
C ASP B 1 -3.80 23.56 -16.35
N ILE B 2 -3.15 23.62 -15.18
CA ILE B 2 -1.71 23.44 -15.00
C ILE B 2 -1.43 21.94 -14.93
N GLN B 3 -0.67 21.42 -15.89
CA GLN B 3 -0.19 20.02 -15.88
C GLN B 3 1.22 19.89 -15.30
N MET B 4 1.36 18.98 -14.32
CA MET B 4 2.64 18.61 -13.73
C MET B 4 3.10 17.27 -14.27
N THR B 5 4.39 17.18 -14.61
CA THR B 5 5.00 15.95 -15.09
C THR B 5 6.28 15.69 -14.32
N GLN B 6 6.71 14.42 -14.30
CA GLN B 6 7.94 14.03 -13.60
C GLN B 6 8.79 13.06 -14.40
N SER B 7 10.09 13.07 -14.12
CA SER B 7 11.03 12.16 -14.76
C SER B 7 12.25 11.92 -13.87
N PRO B 8 12.80 10.68 -13.87
CA PRO B 8 12.23 9.57 -14.63
C PRO B 8 11.01 9.07 -13.84
N SER B 9 10.24 8.13 -14.40
CA SER B 9 9.07 7.62 -13.68
C SER B 9 9.45 6.57 -12.60
N THR B 10 10.56 5.84 -12.82
CA THR B 10 11.17 4.96 -11.83
C THR B 10 12.70 5.12 -11.89
N LEU B 11 13.39 4.85 -10.77
CA LEU B 11 14.84 4.79 -10.76
C LEU B 11 15.32 3.91 -9.61
N SER B 12 16.42 3.21 -9.83
CA SER B 12 17.12 2.39 -8.83
C SER B 12 18.48 2.99 -8.58
N ALA B 13 18.92 2.98 -7.33
CA ALA B 13 20.17 3.62 -6.97
C ALA B 13 20.71 3.06 -5.66
N SER B 14 22.04 3.04 -5.56
CA SER B 14 22.73 2.50 -4.40
C SER B 14 22.72 3.45 -3.20
N VAL B 15 22.81 2.86 -2.01
CA VAL B 15 23.08 3.54 -0.76
C VAL B 15 24.31 4.43 -0.93
N GLY B 16 24.16 5.71 -0.56
CA GLY B 16 25.17 6.73 -0.75
C GLY B 16 25.16 7.50 -2.08
N ASP B 17 24.39 7.04 -3.07
CA ASP B 17 24.30 7.75 -4.35
C ASP B 17 23.57 9.09 -4.17
N ARG B 18 23.89 10.07 -5.02
CA ARG B 18 23.12 11.32 -5.19
C ARG B 18 21.98 11.06 -6.19
N VAL B 19 20.72 11.18 -5.74
CA VAL B 19 19.59 11.03 -6.65
C VAL B 19 18.86 12.34 -6.93
N THR B 20 18.54 12.55 -8.21
CA THR B 20 17.91 13.75 -8.71
C THR B 20 16.61 13.38 -9.45
N ILE B 21 15.49 13.88 -8.92
CA ILE B 21 14.15 13.69 -9.46
C ILE B 21 13.64 15.02 -10.01
N THR B 22 13.14 15.01 -11.24
CA THR B 22 12.74 16.23 -11.93
C THR B 22 11.23 16.33 -12.03
N CYS B 23 10.72 17.54 -11.78
CA CYS B 23 9.31 17.86 -11.91
C CYS B 23 9.19 19.07 -12.80
N ARG B 24 8.14 19.09 -13.63
CA ARG B 24 7.92 20.12 -14.67
C ARG B 24 6.48 20.63 -14.62
N ALA B 25 6.28 21.94 -14.80
CA ALA B 25 4.97 22.55 -14.89
C ALA B 25 4.72 23.04 -16.32
N SER B 26 3.49 22.81 -16.83
CA SER B 26 3.07 23.23 -18.18
C SER B 26 3.14 24.74 -18.40
N GLN B 27 3.00 25.52 -17.32
CA GLN B 27 3.20 26.96 -17.33
C GLN B 27 3.85 27.39 -16.03
N SER B 28 4.33 28.64 -16.00
CA SER B 28 5.05 29.16 -14.83
C SER B 28 4.22 29.20 -13.56
N ILE B 29 4.75 28.55 -12.51
CA ILE B 29 4.17 28.57 -11.17
C ILE B 29 5.12 29.17 -10.15
N SER B 30 6.14 29.89 -10.64
CA SER B 30 7.13 30.56 -9.78
C SER B 30 7.72 29.51 -8.81
N ARG B 31 7.75 29.80 -7.50
CA ARG B 31 8.23 28.89 -6.44
C ARG B 31 7.06 28.17 -5.74
N TRP B 32 5.86 28.12 -6.33
CA TRP B 32 4.71 27.48 -5.68
C TRP B 32 4.62 25.96 -5.96
N LEU B 33 5.64 25.24 -5.46
CA LEU B 33 5.78 23.81 -5.63
C LEU B 33 6.07 23.12 -4.30
N ALA B 34 5.42 21.97 -4.11
CA ALA B 34 5.68 21.09 -2.99
C ALA B 34 6.08 19.70 -3.49
N TRP B 35 6.78 18.97 -2.62
CA TRP B 35 7.28 17.62 -2.86
C TRP B 35 6.80 16.74 -1.70
N TYR B 36 6.26 15.58 -2.04
CA TYR B 36 5.71 14.58 -1.08
C TYR B 36 6.45 13.24 -1.22
N GLN B 37 6.75 12.61 -0.08
CA GLN B 37 7.18 11.23 0.02
C GLN B 37 6.03 10.31 0.45
N GLN B 38 5.74 9.28 -0.34
CA GLN B 38 4.77 8.26 0.11
C GLN B 38 5.36 6.85 0.12
N LYS B 39 5.51 6.29 1.33
CA LYS B 39 5.89 4.90 1.51
C LYS B 39 4.63 4.05 1.37
N PRO B 40 4.72 2.83 0.78
CA PRO B 40 3.53 2.02 0.53
C PRO B 40 2.78 1.69 1.82
N GLY B 41 1.46 1.82 1.81
CA GLY B 41 0.61 1.59 2.97
C GLY B 41 0.50 2.75 3.95
N LYS B 42 1.26 3.83 3.73
CA LYS B 42 1.25 5.00 4.60
C LYS B 42 0.70 6.23 3.90
N VAL B 43 0.35 7.24 4.70
CA VAL B 43 -0.17 8.49 4.18
C VAL B 43 1.00 9.28 3.64
N PRO B 44 0.80 10.12 2.61
CA PRO B 44 1.87 10.96 2.07
C PRO B 44 2.40 11.96 3.11
N LYS B 45 3.68 12.32 2.97
CA LYS B 45 4.36 13.15 3.93
C LYS B 45 5.02 14.27 3.12
N LEU B 46 4.76 15.51 3.55
CA LEU B 46 5.31 16.70 2.92
C LEU B 46 6.77 16.78 3.28
N LEU B 47 7.62 16.91 2.25
CA LEU B 47 9.07 17.04 2.47
C LEU B 47 9.53 18.48 2.23
N ILE B 48 9.15 19.02 1.07
CA ILE B 48 9.51 20.36 0.65
C ILE B 48 8.29 21.18 0.29
N TYR B 49 8.26 22.45 0.71
CA TYR B 49 7.26 23.46 0.28
C TYR B 49 7.96 24.73 -0.20
N LYS B 50 7.29 25.47 -1.07
CA LYS B 50 7.80 26.69 -1.68
C LYS B 50 9.14 26.40 -2.39
N ALA B 51 9.17 25.26 -3.09
CA ALA B 51 10.30 24.77 -3.90
C ALA B 51 11.56 24.32 -3.15
N SER B 52 11.91 25.02 -2.07
CA SER B 52 13.16 24.74 -1.37
C SER B 52 13.16 24.77 0.16
N SER B 53 12.01 25.04 0.79
CA SER B 53 11.93 25.03 2.23
C SER B 53 11.66 23.61 2.68
N LEU B 54 12.51 23.14 3.59
CA LEU B 54 12.46 21.80 4.14
C LEU B 54 11.42 21.82 5.25
N GLU B 55 10.47 20.89 5.21
CA GLU B 55 9.46 20.80 6.26
C GLU B 55 10.17 20.32 7.53
N SER B 56 9.64 20.69 8.69
CA SER B 56 10.34 20.50 9.95
C SER B 56 10.53 19.01 10.27
N GLY B 57 11.73 18.66 10.76
CA GLY B 57 12.08 17.31 11.14
C GLY B 57 12.23 16.34 9.97
N VAL B 58 12.37 16.87 8.75
CA VAL B 58 12.70 16.08 7.57
C VAL B 58 14.22 16.10 7.41
N PRO B 59 14.87 14.93 7.21
CA PRO B 59 16.33 14.84 7.22
C PRO B 59 17.00 15.79 6.21
N SER B 60 18.21 16.28 6.53
CA SER B 60 18.86 17.33 5.75
C SER B 60 19.42 16.90 4.37
N ARG B 61 19.39 15.59 4.07
CA ARG B 61 19.82 15.01 2.77
C ARG B 61 18.79 15.32 1.67
N PHE B 62 17.55 15.68 2.06
CA PHE B 62 16.56 16.14 1.10
C PHE B 62 16.72 17.64 0.85
N SER B 63 16.70 18.03 -0.43
CA SER B 63 16.70 19.44 -0.82
C SER B 63 15.90 19.63 -2.11
N GLY B 64 15.35 20.84 -2.28
CA GLY B 64 14.61 21.18 -3.50
C GLY B 64 15.12 22.47 -4.11
N SER B 65 14.97 22.60 -5.43
CA SER B 65 15.30 23.81 -6.15
C SER B 65 14.43 24.00 -7.39
N GLY B 66 14.52 25.20 -7.99
CA GLY B 66 13.79 25.57 -9.18
C GLY B 66 12.82 26.69 -8.88
N SER B 67 12.49 27.46 -9.93
CA SER B 67 11.50 28.53 -9.88
C SER B 67 11.07 28.68 -11.32
N GLY B 68 9.76 28.69 -11.55
CA GLY B 68 9.16 28.81 -12.86
C GLY B 68 8.53 27.51 -13.32
N THR B 69 9.30 26.77 -14.12
CA THR B 69 8.79 25.67 -14.93
C THR B 69 9.45 24.31 -14.63
N GLU B 70 10.73 24.32 -14.22
CA GLU B 70 11.53 23.13 -13.99
C GLU B 70 11.97 23.05 -12.53
N PHE B 71 11.78 21.88 -11.93
CA PHE B 71 12.04 21.67 -10.52
C PHE B 71 12.78 20.35 -10.23
N THR B 72 13.63 20.35 -9.21
CA THR B 72 14.27 19.11 -8.75
C THR B 72 14.16 18.92 -7.25
N LEU B 73 14.08 17.63 -6.88
CA LEU B 73 14.25 17.12 -5.54
C LEU B 73 15.53 16.27 -5.61
N THR B 74 16.44 16.52 -4.66
CA THR B 74 17.71 15.86 -4.57
C THR B 74 17.80 15.14 -3.21
N ILE B 75 18.23 13.87 -3.26
CA ILE B 75 18.60 13.11 -2.07
C ILE B 75 20.11 12.99 -2.17
N SER B 76 20.83 13.71 -1.31
CA SER B 76 22.27 13.92 -1.44
C SER B 76 23.04 12.63 -1.22
N SER B 77 22.53 11.79 -0.31
CA SER B 77 23.11 10.50 0.01
C SER B 77 22.01 9.53 0.40
N LEU B 78 21.63 8.67 -0.55
CA LEU B 78 20.46 7.83 -0.45
C LEU B 78 20.64 6.79 0.65
N GLN B 79 19.56 6.55 1.41
CA GLN B 79 19.57 5.58 2.50
C GLN B 79 18.56 4.48 2.19
N PRO B 80 18.69 3.27 2.80
CA PRO B 80 17.78 2.17 2.56
C PRO B 80 16.31 2.53 2.83
N ASP B 81 16.04 3.43 3.79
CA ASP B 81 14.65 3.77 4.16
C ASP B 81 13.97 4.86 3.28
N ASP B 82 14.67 5.31 2.22
CA ASP B 82 14.20 6.34 1.28
C ASP B 82 13.39 5.75 0.12
N PHE B 83 13.35 4.42 0.07
CA PHE B 83 12.44 3.70 -0.81
C PHE B 83 11.03 4.30 -0.69
N ALA B 84 10.52 4.84 -1.80
CA ALA B 84 9.17 5.42 -1.87
C ALA B 84 8.82 5.98 -3.25
N THR B 85 7.55 6.41 -3.40
CA THR B 85 7.13 7.23 -4.52
C THR B 85 7.13 8.69 -4.05
N TYR B 86 7.76 9.56 -4.85
CA TYR B 86 7.90 11.02 -4.62
C TYR B 86 7.05 11.80 -5.64
N TYR B 87 6.12 12.61 -5.14
CA TYR B 87 5.18 13.41 -5.96
C TYR B 87 5.50 14.88 -5.81
N CYS B 88 5.57 15.59 -6.94
CA CYS B 88 5.50 17.03 -6.89
C CYS B 88 4.03 17.45 -6.96
N GLN B 89 3.78 18.71 -6.62
CA GLN B 89 2.44 19.28 -6.57
C GLN B 89 2.55 20.76 -6.74
N GLN B 90 1.79 21.31 -7.69
CA GLN B 90 1.66 22.75 -7.77
C GLN B 90 0.72 23.27 -6.66
N TYR B 91 1.24 24.26 -5.95
CA TYR B 91 0.86 24.70 -4.58
C TYR B 91 -0.23 25.77 -4.67
N ASN B 92 -0.70 26.11 -5.89
CA ASN B 92 -1.75 27.11 -6.12
C ASN B 92 -3.11 26.48 -6.31
N SER B 93 -3.22 25.55 -7.26
CA SER B 93 -4.49 24.82 -7.50
C SER B 93 -4.39 23.30 -7.26
N TYR B 94 -3.35 22.90 -6.52
CA TYR B 94 -3.31 21.67 -5.68
C TYR B 94 -3.06 20.40 -6.53
N SER B 95 -2.81 20.54 -7.82
CA SER B 95 -2.69 19.37 -8.69
C SER B 95 -1.31 18.67 -8.61
N PHE B 96 -1.34 17.33 -8.55
CA PHE B 96 -0.14 16.53 -8.40
C PHE B 96 0.50 16.10 -9.71
N GLY B 97 1.80 15.86 -9.64
CA GLY B 97 2.53 15.13 -10.66
C GLY B 97 2.28 13.64 -10.48
N PRO B 98 2.70 12.81 -11.46
CA PRO B 98 2.36 11.39 -11.47
C PRO B 98 3.29 10.53 -10.60
N GLY B 99 4.35 11.12 -10.03
CA GLY B 99 5.21 10.45 -9.06
C GLY B 99 6.45 9.84 -9.69
N THR B 100 7.53 9.75 -8.90
CA THR B 100 8.71 8.99 -9.27
C THR B 100 8.90 7.97 -8.18
N LYS B 101 9.02 6.70 -8.59
CA LYS B 101 9.18 5.61 -7.68
C LYS B 101 10.69 5.30 -7.60
N VAL B 102 11.24 5.42 -6.39
CA VAL B 102 12.64 5.18 -6.13
C VAL B 102 12.78 3.81 -5.50
N ASP B 103 13.69 3.00 -6.06
CA ASP B 103 14.09 1.69 -5.55
C ASP B 103 15.54 1.72 -5.10
N ILE B 104 15.89 0.91 -4.09
CA ILE B 104 17.26 0.82 -3.63
C ILE B 104 17.94 -0.33 -4.34
N LYS B 105 19.06 -0.03 -4.99
CA LYS B 105 19.98 -1.00 -5.57
C LYS B 105 20.83 -1.59 -4.44
N ARG B 106 21.05 -2.91 -4.48
CA ARG B 106 21.93 -3.61 -3.50
C ARG B 106 22.51 -4.85 -4.17
N THR B 107 23.30 -5.62 -3.43
CA THR B 107 23.90 -6.84 -3.99
C THR B 107 22.81 -7.87 -4.29
N VAL B 108 23.02 -8.63 -5.36
CA VAL B 108 22.17 -9.73 -5.74
C VAL B 108 22.10 -10.68 -4.56
N ALA B 109 20.92 -11.26 -4.35
CA ALA B 109 20.62 -12.14 -3.24
C ALA B 109 19.56 -13.12 -3.71
N ALA B 110 19.94 -14.40 -3.77
CA ALA B 110 19.06 -15.45 -4.23
C ALA B 110 17.97 -15.71 -3.18
N PRO B 111 16.73 -16.04 -3.60
CA PRO B 111 15.64 -16.28 -2.67
C PRO B 111 15.77 -17.61 -1.90
N SER B 112 15.21 -17.65 -0.69
CA SER B 112 14.95 -18.87 0.02
C SER B 112 13.55 -19.29 -0.38
N VAL B 113 13.43 -20.56 -0.79
CA VAL B 113 12.23 -21.08 -1.37
C VAL B 113 11.62 -22.09 -0.41
N PHE B 114 10.38 -21.79 0.00
CA PHE B 114 9.59 -22.62 0.90
C PHE B 114 8.27 -22.94 0.23
N ILE B 115 7.71 -24.11 0.60
CA ILE B 115 6.43 -24.56 0.08
C ILE B 115 5.52 -25.05 1.20
N PHE B 116 4.23 -24.75 1.06
CA PHE B 116 3.19 -25.10 2.03
C PHE B 116 2.05 -25.81 1.29
N PRO B 117 1.69 -27.05 1.65
CA PRO B 117 0.54 -27.73 1.05
C PRO B 117 -0.75 -27.19 1.65
N PRO B 118 -1.94 -27.51 1.10
CA PRO B 118 -3.20 -27.07 1.67
C PRO B 118 -3.33 -27.56 3.12
N SER B 119 -4.04 -26.81 3.96
CA SER B 119 -4.31 -27.21 5.34
C SER B 119 -5.42 -28.25 5.30
N ASP B 120 -5.44 -29.13 6.30
CA ASP B 120 -6.55 -30.09 6.46
C ASP B 120 -7.86 -29.33 6.54
N GLU B 121 -7.86 -28.22 7.31
CA GLU B 121 -9.05 -27.43 7.59
C GLU B 121 -9.71 -26.94 6.29
N GLN B 122 -8.87 -26.48 5.36
CA GLN B 122 -9.34 -25.98 4.06
C GLN B 122 -9.90 -27.11 3.19
N LEU B 123 -9.09 -28.14 2.98
CA LEU B 123 -9.45 -29.32 2.19
C LEU B 123 -10.91 -29.71 2.46
N LYS B 124 -11.30 -29.69 3.74
CA LYS B 124 -12.67 -30.02 4.21
C LYS B 124 -13.84 -29.36 3.45
N SER B 125 -13.61 -28.16 2.89
CA SER B 125 -14.63 -27.39 2.19
C SER B 125 -14.46 -27.39 0.67
N GLY B 126 -13.73 -28.38 0.16
CA GLY B 126 -13.68 -28.68 -1.27
C GLY B 126 -12.80 -27.82 -2.15
N THR B 127 -11.92 -27.02 -1.53
CA THR B 127 -10.94 -26.21 -2.26
C THR B 127 -9.54 -26.46 -1.67
N ALA B 128 -8.51 -26.37 -2.54
CA ALA B 128 -7.11 -26.57 -2.15
C ALA B 128 -6.21 -25.44 -2.66
N SER B 129 -5.43 -24.85 -1.75
CA SER B 129 -4.46 -23.81 -2.10
C SER B 129 -3.04 -24.23 -1.70
N VAL B 130 -2.15 -24.29 -2.69
CA VAL B 130 -0.72 -24.54 -2.52
C VAL B 130 -0.01 -23.19 -2.61
N VAL B 131 0.80 -22.88 -1.59
CA VAL B 131 1.51 -21.61 -1.49
C VAL B 131 3.01 -21.87 -1.57
N CYS B 132 3.67 -21.19 -2.52
CA CYS B 132 5.11 -21.16 -2.62
C CYS B 132 5.62 -19.78 -2.24
N LEU B 133 6.63 -19.74 -1.37
CA LEU B 133 7.18 -18.51 -0.82
C LEU B 133 8.64 -18.36 -1.24
N LEU B 134 8.94 -17.26 -1.94
CA LEU B 134 10.31 -16.82 -2.18
C LEU B 134 10.58 -15.71 -1.17
N ASN B 135 11.61 -15.91 -0.34
CA ASN B 135 11.92 -14.98 0.74
C ASN B 135 13.25 -14.24 0.57
N ASN B 136 13.19 -12.92 0.76
CA ASN B 136 14.36 -12.07 0.98
C ASN B 136 15.43 -12.12 -0.13
N PHE B 137 14.96 -11.83 -1.35
CA PHE B 137 15.79 -11.79 -2.54
C PHE B 137 15.88 -10.38 -3.15
N TYR B 138 16.94 -10.17 -3.93
CA TYR B 138 17.15 -8.98 -4.79
C TYR B 138 17.91 -9.41 -6.04
N PRO B 139 17.55 -8.98 -7.27
CA PRO B 139 16.49 -7.99 -7.51
C PRO B 139 15.07 -8.59 -7.52
N ARG B 140 14.07 -7.74 -7.78
CA ARG B 140 12.63 -8.10 -7.70
C ARG B 140 12.26 -9.14 -8.78
N GLU B 141 12.95 -9.16 -9.93
CA GLU B 141 12.59 -10.03 -11.05
C GLU B 141 12.75 -11.52 -10.68
N ALA B 142 11.71 -12.31 -10.91
CA ALA B 142 11.75 -13.75 -10.65
C ALA B 142 10.72 -14.53 -11.47
N LYS B 143 10.93 -15.85 -11.57
CA LYS B 143 10.09 -16.77 -12.34
C LYS B 143 9.72 -17.95 -11.45
N VAL B 144 8.42 -18.15 -11.24
CA VAL B 144 7.95 -19.34 -10.54
C VAL B 144 6.95 -20.12 -11.40
N GLN B 145 7.28 -21.39 -11.65
CA GLN B 145 6.42 -22.29 -12.39
C GLN B 145 5.85 -23.30 -11.42
N TRP B 146 4.67 -23.81 -11.75
CA TRP B 146 4.03 -24.86 -10.99
C TRP B 146 4.03 -26.13 -11.83
N LYS B 147 4.42 -27.24 -11.20
CA LYS B 147 4.35 -28.56 -11.76
C LYS B 147 3.53 -29.40 -10.79
N VAL B 148 2.72 -30.31 -11.33
CA VAL B 148 1.98 -31.30 -10.54
C VAL B 148 2.08 -32.66 -11.23
N ASP B 149 2.63 -33.65 -10.52
CA ASP B 149 3.03 -34.93 -11.09
C ASP B 149 3.77 -34.65 -12.40
N ASN B 150 4.67 -33.67 -12.34
CA ASN B 150 5.49 -33.19 -13.45
C ASN B 150 4.79 -32.29 -14.49
N ALA B 151 3.46 -32.32 -14.54
CA ALA B 151 2.68 -31.52 -15.50
C ALA B 151 2.74 -30.02 -15.15
N LEU B 152 3.25 -29.22 -16.10
CA LEU B 152 3.39 -27.76 -15.93
C LEU B 152 2.03 -27.04 -16.03
N GLN B 153 1.80 -26.07 -15.13
CA GLN B 153 0.51 -25.36 -14.97
C GLN B 153 0.41 -24.01 -15.67
N SER B 154 -0.81 -23.57 -15.94
CA SER B 154 -1.09 -22.27 -16.55
C SER B 154 -2.42 -21.65 -16.11
N GLY B 155 -2.40 -20.35 -15.83
CA GLY B 155 -3.59 -19.57 -15.56
C GLY B 155 -4.19 -19.75 -14.17
N ASN B 156 -3.75 -20.79 -13.45
CA ASN B 156 -4.33 -21.20 -12.16
C ASN B 156 -3.47 -20.81 -10.95
N SER B 157 -2.56 -19.85 -11.15
CA SER B 157 -1.67 -19.32 -10.12
C SER B 157 -1.65 -17.81 -10.16
N GLN B 158 -1.64 -17.18 -8.98
CA GLN B 158 -1.49 -15.73 -8.83
C GLN B 158 -0.31 -15.42 -7.95
N GLU B 159 0.39 -14.32 -8.24
CA GLU B 159 1.55 -13.87 -7.50
C GLU B 159 1.30 -12.55 -6.75
N SER B 160 2.00 -12.37 -5.64
CA SER B 160 2.03 -11.11 -4.90
C SER B 160 3.47 -10.86 -4.42
N VAL B 161 3.86 -9.59 -4.36
CA VAL B 161 5.20 -9.18 -3.93
C VAL B 161 5.13 -8.08 -2.90
N THR B 162 5.96 -8.18 -1.86
CA THR B 162 6.06 -7.14 -0.86
C THR B 162 6.83 -5.96 -1.39
N GLU B 163 6.73 -4.85 -0.67
CA GLU B 163 7.52 -3.67 -0.93
C GLU B 163 8.93 -3.98 -0.47
N GLN B 164 9.91 -3.19 -0.90
CA GLN B 164 11.29 -3.32 -0.43
C GLN B 164 11.36 -3.20 1.08
N ASP B 165 12.10 -4.10 1.72
CA ASP B 165 12.33 -4.04 3.15
C ASP B 165 13.20 -2.83 3.43
N SER B 166 12.87 -2.10 4.49
CA SER B 166 13.49 -0.78 4.74
C SER B 166 14.86 -0.87 5.42
N LYS B 167 15.23 -2.07 5.88
CA LYS B 167 16.54 -2.35 6.48
C LYS B 167 17.52 -2.94 5.46
N ASP B 168 17.13 -4.08 4.86
CA ASP B 168 18.01 -4.87 3.99
C ASP B 168 17.70 -4.81 2.48
N SER B 169 16.69 -4.02 2.11
CA SER B 169 16.32 -3.76 0.72
C SER B 169 15.95 -4.99 -0.10
N THR B 170 15.47 -6.05 0.56
CA THR B 170 15.00 -7.24 -0.16
C THR B 170 13.51 -7.23 -0.43
N TYR B 171 13.11 -8.12 -1.34
CA TYR B 171 11.71 -8.45 -1.69
C TYR B 171 11.38 -9.87 -1.23
N SER B 172 10.09 -10.14 -1.00
CA SER B 172 9.57 -11.49 -0.89
C SER B 172 8.34 -11.64 -1.77
N LEU B 173 8.00 -12.88 -2.09
CA LEU B 173 7.02 -13.17 -3.12
C LEU B 173 6.26 -14.44 -2.80
N SER B 174 4.93 -14.38 -2.91
CA SER B 174 4.06 -15.54 -2.76
C SER B 174 3.46 -15.86 -4.12
N SER B 175 3.44 -17.14 -4.48
CA SER B 175 2.68 -17.66 -5.61
C SER B 175 1.69 -18.66 -5.02
N THR B 176 0.42 -18.55 -5.42
CA THR B 176 -0.62 -19.39 -4.88
C THR B 176 -1.30 -20.14 -5.99
N LEU B 177 -1.16 -21.46 -5.95
CA LEU B 177 -1.80 -22.38 -6.90
C LEU B 177 -3.15 -22.75 -6.33
N THR B 178 -4.20 -22.52 -7.12
CA THR B 178 -5.55 -22.80 -6.72
C THR B 178 -6.10 -23.95 -7.54
N LEU B 179 -6.63 -24.96 -6.84
CA LEU B 179 -7.21 -26.15 -7.43
C LEU B 179 -8.31 -26.62 -6.52
N SER B 180 -9.25 -27.39 -7.08
CA SER B 180 -10.31 -28.05 -6.33
C SER B 180 -9.71 -29.21 -5.54
N LYS B 181 -10.43 -29.63 -4.49
CA LYS B 181 -10.08 -30.83 -3.73
C LYS B 181 -9.99 -31.99 -4.71
N ALA B 182 -11.02 -32.11 -5.57
CA ALA B 182 -11.08 -33.13 -6.61
C ALA B 182 -9.76 -33.23 -7.35
N ASP B 183 -9.38 -32.15 -8.03
CA ASP B 183 -8.20 -32.12 -8.88
C ASP B 183 -6.92 -32.41 -8.10
N TYR B 184 -6.88 -32.00 -6.82
CA TYR B 184 -5.70 -32.11 -5.93
C TYR B 184 -5.45 -33.57 -5.52
N GLU B 185 -6.42 -34.50 -5.66
CA GLU B 185 -6.16 -35.95 -5.43
C GLU B 185 -5.55 -36.59 -6.69
N LYS B 186 -4.36 -36.11 -7.03
CA LYS B 186 -3.70 -36.34 -8.32
C LYS B 186 -2.34 -35.63 -8.28
N VAL B 189 2.27 -35.26 -5.93
CA VAL B 189 3.55 -34.60 -6.13
C VAL B 189 3.38 -33.19 -6.72
N TYR B 190 3.62 -32.16 -5.90
CA TYR B 190 3.38 -30.72 -6.22
C TYR B 190 4.67 -29.92 -6.04
N ALA B 191 5.05 -29.18 -7.11
CA ALA B 191 6.39 -28.62 -7.24
C ALA B 191 6.39 -27.17 -7.71
N CYS B 192 7.13 -26.35 -6.97
CA CYS B 192 7.31 -24.94 -7.27
C CYS B 192 8.74 -24.78 -7.76
N GLU B 193 8.90 -24.29 -8.99
CA GLU B 193 10.21 -24.13 -9.61
C GLU B 193 10.52 -22.66 -9.82
N VAL B 194 11.72 -22.24 -9.39
CA VAL B 194 12.08 -20.83 -9.31
C VAL B 194 13.36 -20.52 -10.10
N THR B 195 13.33 -19.41 -10.85
CA THR B 195 14.50 -18.88 -11.54
C THR B 195 14.78 -17.42 -11.14
N HIS B 196 16.06 -17.09 -11.00
CA HIS B 196 16.49 -15.81 -10.45
C HIS B 196 17.99 -15.63 -10.58
N GLN B 197 18.42 -14.41 -10.94
CA GLN B 197 19.84 -14.02 -11.10
C GLN B 197 20.85 -14.49 -10.04
N GLY B 198 20.36 -14.88 -8.85
CA GLY B 198 21.18 -15.30 -7.72
C GLY B 198 21.39 -16.80 -7.63
N LEU B 199 20.57 -17.56 -8.34
CA LEU B 199 20.65 -19.02 -8.41
C LEU B 199 21.38 -19.41 -9.69
N SER B 200 22.51 -20.10 -9.53
CA SER B 200 23.34 -20.58 -10.64
C SER B 200 22.49 -21.33 -11.70
N SER B 201 21.52 -22.09 -11.21
CA SER B 201 20.53 -22.77 -12.04
C SER B 201 19.20 -22.81 -11.27
N PRO B 202 18.05 -23.02 -11.94
CA PRO B 202 16.74 -23.09 -11.26
C PRO B 202 16.69 -24.04 -10.04
N VAL B 203 15.75 -23.80 -9.14
CA VAL B 203 15.56 -24.55 -7.88
C VAL B 203 14.09 -24.95 -7.77
N THR B 204 13.86 -26.17 -7.25
CA THR B 204 12.53 -26.75 -7.12
C THR B 204 12.24 -27.22 -5.70
N LYS B 205 11.23 -26.63 -5.05
CA LYS B 205 10.70 -27.16 -3.80
C LYS B 205 9.44 -27.94 -4.11
N SER B 206 9.32 -29.14 -3.53
CA SER B 206 8.16 -30.00 -3.72
C SER B 206 7.82 -30.87 -2.51
N PHE B 207 6.61 -31.45 -2.55
CA PHE B 207 6.12 -32.39 -1.56
C PHE B 207 5.24 -33.41 -2.28
N ASN B 208 4.88 -34.49 -1.57
CA ASN B 208 3.98 -35.51 -2.08
C ASN B 208 2.61 -35.45 -1.40
N ARG B 209 1.57 -35.77 -2.18
CA ARG B 209 0.20 -36.15 -1.68
C ARG B 209 -0.67 -34.90 -1.55
S SO4 C . -10.24 26.70 -2.48
O1 SO4 C . -9.90 26.93 -1.09
O2 SO4 C . -10.70 25.35 -2.66
O3 SO4 C . -9.07 26.91 -3.29
O4 SO4 C . -11.27 27.62 -2.88
S SO4 D . 16.57 8.82 8.84
O1 SO4 D . 17.28 10.08 8.90
O2 SO4 D . 16.29 8.37 10.17
O3 SO4 D . 15.33 9.00 8.13
O4 SO4 D . 17.38 7.85 8.17
#